data_5GJP
#
_entry.id   5GJP
#
_cell.length_a   111.734
_cell.length_b   111.734
_cell.length_c   112.976
_cell.angle_alpha   90.000
_cell.angle_beta   90.000
_cell.angle_gamma   120.000
#
_symmetry.space_group_name_H-M   'P 63 2 2'
#
loop_
_entity.id
_entity.type
_entity.pdbx_description
1 polymer 'Lysine/ornithine decarboxylase'
2 non-polymer PENTANE-1,5-DIAMINE
3 non-polymer "PYRIDOXAL-5'-PHOSPHATE"
4 non-polymer GLYCEROL
5 non-polymer 'TRIETHYLENE GLYCOL'
6 non-polymer 'SODIUM ION'
7 non-polymer 'MAGNESIUM ION'
8 water water
#
_entity_poly.entity_id   1
_entity_poly.type   'polypeptide(L)'
_entity_poly.pdbx_seq_one_letter_code
;MKNFRLSEKEVKTLAKRIPTPFLVASLDKVEENYQFMRRHLPRAGVFYAMKANPTPEILSLLAGLGSHFDVASAGEMEIL
HELGVDGSQMIYANPVKDARGLKAAADYNVRRFTFDDPSEIDKMAKAVPGADVLVRIAVRNNKALVDLNTKFGAPVEEAL
DLLKAAQDAGLHAMGICFHVGSQSLSTAAYEEALLVARRLFDEAEEMGMHLTDLDIGGGFPVPDAKGLNVDLAAMMEAIN
KQIDRLFPDTAVWTEPGRYMCGTAVNLVTSVIGTKTRGEQPWYILDEGIYGCFSGIMYDHWTYPLHCFGKGNKKPSTFGG
PSCDGIDVLYRDFMAPELKIGDKVLVTEMGSYTSVSATRFNGFYLAPTIIFEDQPEYAARLTEDDDVKKKAAV
;
_entity_poly.pdbx_strand_id   A
#
# COMPACT_ATOMS: atom_id res chain seq x y z
N MET A 1 11.05 12.68 7.53
CA MET A 1 11.65 11.31 7.68
C MET A 1 11.25 10.49 8.96
N LYS A 2 10.43 11.07 9.85
CA LYS A 2 9.93 10.34 11.04
C LYS A 2 8.84 9.36 10.66
N ASN A 3 8.83 8.18 11.25
CA ASN A 3 7.65 7.31 11.25
C ASN A 3 6.68 7.74 12.33
N PHE A 4 5.40 7.69 12.03
CA PHE A 4 4.38 7.97 13.02
C PHE A 4 4.45 6.95 14.13
N ARG A 5 4.52 7.44 15.37
CA ARG A 5 4.87 6.63 16.54
C ARG A 5 4.17 7.24 17.78
N LEU A 6 3.29 6.49 18.41
CA LEU A 6 2.67 6.92 19.63
C LEU A 6 3.70 6.72 20.75
N SER A 7 3.82 7.71 21.63
CA SER A 7 4.57 7.55 22.88
C SER A 7 3.82 6.55 23.80
N GLU A 8 4.54 6.01 24.77
CA GLU A 8 3.95 5.22 25.85
C GLU A 8 2.76 5.89 26.54
N LYS A 9 2.87 7.18 26.81
CA LYS A 9 1.82 7.96 27.47
C LYS A 9 0.57 8.07 26.60
N GLU A 10 0.78 8.23 25.30
CA GLU A 10 -0.32 8.31 24.37
C GLU A 10 -1.06 6.97 24.33
N VAL A 11 -0.31 5.87 24.42
CA VAL A 11 -0.94 4.55 24.43
C VAL A 11 -1.83 4.36 25.65
N LYS A 12 -1.41 4.89 26.80
CA LYS A 12 -2.16 4.76 28.08
C LYS A 12 -3.47 5.50 27.96
N THR A 13 -3.40 6.78 27.58
CA THR A 13 -4.64 7.56 27.46
C THR A 13 -5.59 7.01 26.41
N LEU A 14 -5.10 6.66 25.24
CA LEU A 14 -5.97 6.10 24.20
C LEU A 14 -6.68 4.82 24.68
N ALA A 15 -5.89 3.89 25.22
CA ALA A 15 -6.40 2.64 25.77
C ALA A 15 -7.37 2.78 26.95
N LYS A 16 -7.37 3.93 27.65
CA LYS A 16 -8.38 4.21 28.68
C LYS A 16 -9.77 4.39 28.07
N ARG A 17 -9.83 4.90 26.85
CA ARG A 17 -11.07 5.22 26.16
C ARG A 17 -11.53 4.16 25.15
N ILE A 18 -10.59 3.51 24.49
CA ILE A 18 -10.89 2.69 23.34
C ILE A 18 -10.40 1.32 23.70
N PRO A 19 -11.30 0.34 23.66
CA PRO A 19 -10.87 -1.01 24.00
C PRO A 19 -9.94 -1.55 22.91
N THR A 20 -8.89 -2.26 23.31
CA THR A 20 -7.96 -2.93 22.39
C THR A 20 -8.60 -4.21 21.78
N PRO A 21 -8.17 -4.67 20.61
CA PRO A 21 -7.21 -3.99 19.75
C PRO A 21 -7.81 -2.87 18.96
N PHE A 22 -6.98 -1.85 18.68
CA PHE A 22 -7.33 -0.84 17.70
C PHE A 22 -6.10 -0.26 16.99
N LEU A 23 -6.37 0.30 15.82
CA LEU A 23 -5.36 0.91 14.96
C LEU A 23 -5.54 2.43 15.01
N VAL A 24 -4.43 3.13 14.88
CA VAL A 24 -4.37 4.57 14.97
C VAL A 24 -3.63 5.06 13.75
N ALA A 25 -4.28 5.89 12.94
CA ALA A 25 -3.75 6.35 11.69
C ALA A 25 -3.63 7.85 11.70
N SER A 26 -2.49 8.37 11.27
CA SER A 26 -2.22 9.77 11.20
C SER A 26 -2.33 10.26 9.75
N LEU A 27 -3.37 11.06 9.51
CA LEU A 27 -3.55 11.74 8.25
C LEU A 27 -2.37 12.64 7.90
N ASP A 28 -1.78 13.30 8.89
CA ASP A 28 -0.61 14.16 8.64
C ASP A 28 0.54 13.41 8.02
N LYS A 29 0.76 12.17 8.48
CA LYS A 29 1.84 11.36 7.93
C LYS A 29 1.47 10.94 6.51
N VAL A 30 0.21 10.63 6.27
CA VAL A 30 -0.21 10.28 4.89
C VAL A 30 0.01 11.48 3.94
N GLU A 31 -0.36 12.69 4.40
CA GLU A 31 -0.05 13.92 3.66
C GLU A 31 1.46 14.09 3.43
N GLU A 32 2.26 13.95 4.48
CA GLU A 32 3.70 14.07 4.38
C GLU A 32 4.34 13.08 3.39
N ASN A 33 3.95 11.82 3.47
CA ASN A 33 4.34 10.83 2.47
C ASN A 33 3.94 11.19 1.04
N TYR A 34 2.75 11.66 0.84
CA TYR A 34 2.35 12.06 -0.51
C TYR A 34 3.22 13.22 -1.03
N GLN A 35 3.37 14.26 -0.21
CA GLN A 35 4.11 15.48 -0.60
C GLN A 35 5.57 15.22 -0.80
N PHE A 36 6.14 14.35 0.00
CA PHE A 36 7.52 13.92 -0.16
C PHE A 36 7.71 13.28 -1.55
N MET A 37 6.78 12.39 -1.95
CA MET A 37 6.81 11.78 -3.28
C MET A 37 6.69 12.81 -4.38
N ARG A 38 5.72 13.70 -4.27
CA ARG A 38 5.56 14.76 -5.26
C ARG A 38 6.80 15.65 -5.34
N ARG A 39 7.52 15.83 -4.22
CA ARG A 39 8.75 16.65 -4.21
C ARG A 39 9.95 15.96 -4.86
N HIS A 40 10.15 14.68 -4.55
CA HIS A 40 11.30 13.95 -5.08
C HIS A 40 11.06 13.14 -6.35
N LEU A 41 9.81 12.93 -6.71
CA LEU A 41 9.46 12.37 -7.99
C LEU A 41 8.35 13.22 -8.60
N PRO A 42 8.66 14.47 -8.90
CA PRO A 42 7.71 15.41 -9.51
C PRO A 42 7.20 14.99 -10.89
N ARG A 43 7.99 14.22 -11.65
CA ARG A 43 7.57 13.77 -12.98
C ARG A 43 6.49 12.73 -12.92
N ALA A 44 6.31 12.03 -11.78
CA ALA A 44 5.31 10.97 -11.67
C ALA A 44 3.98 11.38 -10.99
N GLY A 45 2.90 11.39 -11.76
CA GLY A 45 1.55 11.46 -11.23
C GLY A 45 1.29 10.21 -10.41
N VAL A 46 0.33 10.31 -9.50
CA VAL A 46 0.17 9.34 -8.43
C VAL A 46 -1.17 8.66 -8.53
N PHE A 47 -1.15 7.35 -8.74
CA PHE A 47 -2.33 6.51 -8.62
C PHE A 47 -2.21 5.77 -7.29
N TYR A 48 -2.86 6.26 -6.23
CA TYR A 48 -2.77 5.56 -4.96
C TYR A 48 -3.34 4.17 -5.14
N ALA A 49 -2.50 3.15 -4.94
CA ALA A 49 -2.93 1.76 -4.98
C ALA A 49 -3.67 1.45 -3.67
N MET A 50 -4.96 1.68 -3.70
CA MET A 50 -5.75 1.69 -2.51
C MET A 50 -5.90 0.33 -1.88
N LYS A 51 -5.46 -0.70 -2.58
CA LYS A 51 -5.56 -2.05 -2.07
C LYS A 51 -4.78 -2.19 -0.78
N ALA A 52 -3.70 -1.43 -0.64
CA ALA A 52 -2.93 -1.40 0.58
C ALA A 52 -3.65 -0.87 1.82
N ASN A 53 -4.37 0.22 1.68
CA ASN A 53 -5.17 0.74 2.76
C ASN A 53 -6.30 1.58 2.25
N PRO A 54 -7.53 1.14 2.45
CA PRO A 54 -8.70 1.83 1.87
C PRO A 54 -9.48 2.70 2.86
N THR A 55 -8.86 3.12 3.95
CA THR A 55 -9.58 3.87 4.95
C THR A 55 -10.14 5.13 4.31
N PRO A 56 -11.42 5.38 4.51
CA PRO A 56 -12.09 6.44 3.77
C PRO A 56 -11.50 7.82 4.03
N GLU A 57 -11.14 8.12 5.26
CA GLU A 57 -10.55 9.39 5.59
C GLU A 57 -9.24 9.58 4.85
N ILE A 58 -8.52 8.49 4.68
CA ILE A 58 -7.24 8.48 3.95
C ILE A 58 -7.52 8.75 2.49
N LEU A 59 -8.55 8.12 1.95
CA LEU A 59 -8.89 8.32 0.55
C LEU A 59 -9.39 9.75 0.28
N SER A 60 -10.23 10.30 1.18
CA SER A 60 -10.72 11.67 1.05
C SER A 60 -9.55 12.64 1.08
N LEU A 61 -8.59 12.45 1.97
CA LEU A 61 -7.44 13.35 2.02
C LEU A 61 -6.63 13.32 0.71
N LEU A 62 -6.33 12.14 0.19
CA LEU A 62 -5.52 11.99 -1.06
C LEU A 62 -6.25 12.56 -2.27
N ALA A 63 -7.55 12.31 -2.33
CA ALA A 63 -8.37 12.89 -3.37
C ALA A 63 -8.26 14.42 -3.33
N GLY A 64 -8.33 14.99 -2.14
CA GLY A 64 -8.14 16.40 -1.88
C GLY A 64 -6.77 16.93 -2.21
N LEU A 65 -5.75 16.11 -2.03
CA LEU A 65 -4.41 16.50 -2.50
C LEU A 65 -4.22 16.37 -4.02
N GLY A 66 -5.20 15.82 -4.75
CA GLY A 66 -5.11 15.65 -6.21
C GLY A 66 -4.56 14.31 -6.66
N SER A 67 -4.37 13.37 -5.74
CA SER A 67 -3.98 12.03 -6.09
C SER A 67 -5.06 11.44 -6.99
N HIS A 68 -4.65 10.49 -7.81
CA HIS A 68 -5.58 9.63 -8.50
C HIS A 68 -5.55 8.27 -7.79
N PHE A 69 -6.41 7.37 -8.22
CA PHE A 69 -6.59 6.10 -7.57
C PHE A 69 -6.52 4.92 -8.51
N ASP A 70 -5.77 3.91 -8.10
CA ASP A 70 -5.69 2.68 -8.82
C ASP A 70 -6.70 1.78 -8.14
N VAL A 71 -7.66 1.30 -8.90
CA VAL A 71 -8.70 0.47 -8.34
C VAL A 71 -8.60 -0.92 -8.96
N ALA A 72 -8.84 -1.94 -8.15
CA ALA A 72 -8.71 -3.32 -8.62
C ALA A 72 -10.01 -4.14 -8.63
N SER A 73 -11.14 -3.58 -8.23
CA SER A 73 -12.44 -4.27 -8.22
C SER A 73 -13.63 -3.27 -8.21
N ALA A 74 -14.84 -3.80 -8.32
CA ALA A 74 -16.06 -2.99 -8.17
C ALA A 74 -16.13 -2.31 -6.78
N GLY A 75 -15.75 -3.03 -5.73
CA GLY A 75 -15.84 -2.50 -4.39
C GLY A 75 -14.92 -1.32 -4.16
N GLU A 76 -13.75 -1.32 -4.81
CA GLU A 76 -12.81 -0.21 -4.65
C GLU A 76 -13.32 1.03 -5.36
N MET A 77 -13.87 0.84 -6.55
CA MET A 77 -14.59 1.89 -7.31
C MET A 77 -15.80 2.48 -6.55
N GLU A 78 -16.55 1.62 -5.92
CA GLU A 78 -17.77 1.93 -5.21
C GLU A 78 -17.45 2.85 -4.02
N ILE A 79 -16.42 2.53 -3.23
CA ILE A 79 -16.12 3.35 -2.06
C ILE A 79 -15.58 4.70 -2.51
N LEU A 80 -14.73 4.74 -3.53
CA LEU A 80 -14.31 6.01 -4.11
C LEU A 80 -15.53 6.85 -4.56
N HIS A 81 -16.42 6.23 -5.33
CA HIS A 81 -17.64 6.85 -5.73
C HIS A 81 -18.47 7.52 -4.61
N GLU A 82 -18.56 6.91 -3.44
CA GLU A 82 -19.30 7.53 -2.33
C GLU A 82 -18.59 8.68 -1.64
N LEU A 83 -17.29 8.83 -1.92
CA LEU A 83 -16.51 9.95 -1.47
C LEU A 83 -16.43 11.07 -2.53
N GLY A 84 -17.21 10.93 -3.61
CA GLY A 84 -17.23 11.91 -4.67
C GLY A 84 -16.03 11.94 -5.58
N VAL A 85 -15.23 10.88 -5.60
CA VAL A 85 -14.19 10.76 -6.61
C VAL A 85 -14.85 10.23 -7.89
N ASP A 86 -14.55 10.87 -9.01
CA ASP A 86 -15.13 10.55 -10.31
C ASP A 86 -14.25 9.52 -11.03
N GLY A 87 -14.87 8.70 -11.88
CA GLY A 87 -14.17 7.68 -12.68
C GLY A 87 -12.97 8.15 -13.47
N SER A 88 -12.93 9.44 -13.82
CA SER A 88 -11.77 10.06 -14.49
C SER A 88 -10.51 10.14 -13.62
N GLN A 89 -10.65 10.08 -12.28
CA GLN A 89 -9.51 9.99 -11.37
C GLN A 89 -9.05 8.55 -11.09
N MET A 90 -9.54 7.56 -11.86
CA MET A 90 -9.25 6.16 -11.58
C MET A 90 -8.63 5.43 -12.74
N ILE A 91 -7.82 4.42 -12.40
CA ILE A 91 -7.39 3.41 -13.36
C ILE A 91 -7.81 2.03 -12.82
N TYR A 92 -8.51 1.29 -13.66
CA TYR A 92 -8.86 -0.08 -13.37
C TYR A 92 -7.67 -0.95 -13.77
N ALA A 93 -6.77 -1.14 -12.80
CA ALA A 93 -5.40 -1.67 -13.03
C ALA A 93 -5.22 -3.16 -12.70
N ASN A 94 -6.26 -3.84 -12.27
CA ASN A 94 -6.31 -5.28 -12.26
C ASN A 94 -6.29 -5.81 -13.71
N PRO A 95 -5.21 -6.54 -14.09
CA PRO A 95 -5.09 -6.99 -15.50
C PRO A 95 -6.19 -7.92 -15.92
N VAL A 96 -6.81 -8.65 -14.98
CA VAL A 96 -7.96 -9.53 -15.26
C VAL A 96 -9.21 -9.16 -14.49
N LYS A 97 -10.26 -8.77 -15.21
CA LYS A 97 -11.46 -8.11 -14.66
C LYS A 97 -12.68 -8.99 -14.66
N ASP A 98 -13.50 -8.88 -13.61
CA ASP A 98 -14.79 -9.58 -13.52
C ASP A 98 -15.92 -8.76 -14.14
N ALA A 99 -17.11 -9.35 -14.15
CA ALA A 99 -18.26 -8.75 -14.78
C ALA A 99 -18.67 -7.53 -13.97
N ARG A 100 -18.79 -7.73 -12.67
CA ARG A 100 -19.14 -6.62 -11.77
C ARG A 100 -18.22 -5.42 -11.94
N GLY A 101 -16.93 -5.68 -12.09
CA GLY A 101 -15.95 -4.62 -12.22
C GLY A 101 -16.03 -3.90 -13.54
N LEU A 102 -16.20 -4.63 -14.64
CA LEU A 102 -16.50 -3.98 -15.93
C LEU A 102 -17.81 -3.13 -15.92
N LYS A 103 -18.88 -3.64 -15.31
CA LYS A 103 -20.11 -2.88 -15.13
C LYS A 103 -19.84 -1.56 -14.42
N ALA A 104 -19.13 -1.63 -13.30
CA ALA A 104 -18.86 -0.47 -12.47
C ALA A 104 -18.00 0.55 -13.15
N ALA A 105 -16.96 0.08 -13.85
CA ALA A 105 -16.14 0.95 -14.70
C ALA A 105 -16.99 1.64 -15.77
N ALA A 106 -17.92 0.89 -16.36
CA ALA A 106 -18.86 1.46 -17.31
C ALA A 106 -19.78 2.49 -16.63
N ASP A 107 -20.39 2.15 -15.50
CA ASP A 107 -21.31 3.05 -14.80
C ASP A 107 -20.67 4.31 -14.21
N TYR A 108 -19.41 4.25 -13.80
CA TYR A 108 -18.73 5.41 -13.22
C TYR A 108 -17.82 6.13 -14.23
N ASN A 109 -17.88 5.74 -15.51
CA ASN A 109 -17.01 6.32 -16.56
C ASN A 109 -15.50 6.24 -16.23
N VAL A 110 -15.06 5.09 -15.72
CA VAL A 110 -13.63 4.77 -15.70
C VAL A 110 -13.23 4.51 -17.14
N ARG A 111 -12.15 5.15 -17.57
CA ARG A 111 -11.69 5.08 -18.95
C ARG A 111 -10.22 4.70 -19.07
N ARG A 112 -9.57 4.26 -18.00
CA ARG A 112 -8.23 3.72 -18.14
C ARG A 112 -8.18 2.34 -17.54
N PHE A 113 -7.55 1.44 -18.28
CA PHE A 113 -7.49 0.02 -17.97
C PHE A 113 -6.09 -0.47 -18.24
N THR A 114 -5.66 -1.48 -17.49
CA THR A 114 -4.45 -2.21 -17.83
C THR A 114 -4.82 -3.62 -18.27
N PHE A 115 -3.98 -4.28 -19.04
CA PHE A 115 -4.23 -5.66 -19.39
C PHE A 115 -2.95 -6.36 -19.79
N ASP A 116 -2.92 -7.68 -19.67
CA ASP A 116 -1.75 -8.45 -20.10
C ASP A 116 -2.04 -9.67 -20.96
N ASP A 117 -3.27 -9.84 -21.42
CA ASP A 117 -3.64 -11.01 -22.20
C ASP A 117 -4.59 -10.71 -23.34
N PRO A 118 -4.54 -11.51 -24.37
CA PRO A 118 -5.46 -11.34 -25.48
C PRO A 118 -6.91 -11.54 -25.05
N SER A 119 -7.16 -12.49 -24.17
CA SER A 119 -8.52 -12.79 -23.78
C SER A 119 -9.19 -11.59 -23.15
N GLU A 120 -8.40 -10.77 -22.47
CA GLU A 120 -8.89 -9.55 -21.85
C GLU A 120 -9.42 -8.50 -22.83
N ILE A 121 -8.94 -8.50 -24.07
CA ILE A 121 -9.28 -7.42 -25.00
C ILE A 121 -10.77 -7.30 -25.35
N ASP A 122 -11.47 -8.40 -25.60
CA ASP A 122 -12.90 -8.34 -25.87
C ASP A 122 -13.76 -8.00 -24.69
N LYS A 123 -13.38 -8.44 -23.50
CA LYS A 123 -14.09 -8.03 -22.33
C LYS A 123 -14.12 -6.49 -22.27
N MET A 124 -12.94 -5.90 -22.41
CA MET A 124 -12.80 -4.43 -22.28
C MET A 124 -13.55 -3.70 -23.38
N ALA A 125 -13.35 -4.18 -24.62
CA ALA A 125 -13.94 -3.61 -25.81
C ALA A 125 -15.45 -3.51 -25.73
N LYS A 126 -16.14 -4.63 -25.48
CA LYS A 126 -17.59 -4.62 -25.24
C LYS A 126 -17.98 -3.68 -24.10
N ALA A 127 -17.28 -3.76 -22.98
CA ALA A 127 -17.67 -3.04 -21.79
C ALA A 127 -17.51 -1.53 -21.92
N VAL A 128 -16.36 -1.10 -22.42
CA VAL A 128 -16.01 0.31 -22.48
C VAL A 128 -15.42 0.61 -23.86
N PRO A 129 -16.28 0.64 -24.91
CA PRO A 129 -15.90 0.73 -26.33
C PRO A 129 -14.72 1.64 -26.66
N GLY A 130 -14.79 2.90 -26.29
CA GLY A 130 -13.62 3.77 -26.49
C GLY A 130 -12.91 3.83 -25.16
N ALA A 131 -11.65 3.40 -25.10
CA ALA A 131 -11.02 3.28 -23.79
C ALA A 131 -9.52 3.17 -23.89
N ASP A 132 -8.86 3.89 -22.99
CA ASP A 132 -7.42 3.89 -22.94
C ASP A 132 -6.99 2.63 -22.24
N VAL A 133 -6.01 1.96 -22.81
CA VAL A 133 -5.46 0.79 -22.21
C VAL A 133 -3.95 0.91 -22.20
N LEU A 134 -3.36 0.35 -21.17
CA LEU A 134 -1.94 0.18 -21.09
C LEU A 134 -1.70 -1.31 -21.03
N VAL A 135 -0.71 -1.78 -21.78
CA VAL A 135 -0.28 -3.15 -21.66
C VAL A 135 0.72 -3.29 -20.53
N ARG A 136 0.41 -4.20 -19.62
CA ARG A 136 1.38 -4.62 -18.63
C ARG A 136 2.44 -5.65 -19.12
N ILE A 137 3.71 -5.29 -19.00
CA ILE A 137 4.82 -6.15 -19.35
C ILE A 137 5.50 -6.68 -18.09
N ALA A 138 5.98 -7.90 -18.18
CA ALA A 138 6.62 -8.59 -17.11
C ALA A 138 8.10 -8.23 -17.07
N VAL A 139 8.55 -7.64 -15.96
CA VAL A 139 9.94 -7.21 -15.77
C VAL A 139 10.65 -8.06 -14.74
N ARG A 140 11.93 -7.80 -14.50
CA ARG A 140 12.73 -8.61 -13.55
C ARG A 140 12.91 -7.94 -12.19
N ASN A 141 13.07 -8.77 -11.15
CA ASN A 141 13.72 -8.37 -9.88
C ASN A 141 14.27 -9.60 -9.12
N THR A 150 5.23 -13.63 -13.01
CA THR A 150 4.71 -14.97 -13.20
C THR A 150 3.21 -14.95 -13.46
N LYS A 151 2.45 -14.64 -12.43
CA LYS A 151 1.00 -14.48 -12.55
C LYS A 151 0.57 -13.32 -13.45
N PHE A 152 1.32 -12.23 -13.42
CA PHE A 152 0.96 -11.05 -14.17
C PHE A 152 2.03 -10.62 -15.16
N GLY A 153 1.59 -9.99 -16.22
CA GLY A 153 2.47 -9.34 -17.17
C GLY A 153 2.73 -10.14 -18.42
N ALA A 154 2.70 -9.46 -19.54
CA ALA A 154 2.87 -10.12 -20.81
C ALA A 154 4.33 -10.16 -21.13
N PRO A 155 4.77 -11.18 -21.84
CA PRO A 155 6.19 -11.19 -22.23
C PRO A 155 6.45 -10.01 -23.16
N VAL A 156 7.64 -9.45 -23.04
CA VAL A 156 8.00 -8.22 -23.72
C VAL A 156 7.80 -8.26 -25.26
N GLU A 157 7.94 -9.43 -25.87
CA GLU A 157 7.69 -9.61 -27.32
C GLU A 157 6.23 -9.59 -27.76
N GLU A 158 5.33 -9.90 -26.83
CA GLU A 158 3.90 -9.91 -27.10
C GLU A 158 3.34 -8.50 -27.02
N ALA A 159 4.02 -7.63 -26.26
CA ALA A 159 3.51 -6.29 -25.91
C ALA A 159 2.95 -5.44 -27.06
N LEU A 160 3.71 -5.30 -28.13
CA LEU A 160 3.25 -4.51 -29.29
C LEU A 160 2.09 -5.19 -29.99
N ASP A 161 2.16 -6.51 -30.12
CA ASP A 161 1.04 -7.25 -30.70
C ASP A 161 -0.24 -7.09 -29.85
N LEU A 162 -0.11 -7.16 -28.53
CA LEU A 162 -1.32 -6.96 -27.68
C LEU A 162 -1.93 -5.57 -27.82
N LEU A 163 -1.10 -4.55 -28.00
CA LEU A 163 -1.60 -3.18 -28.22
C LEU A 163 -2.27 -3.02 -29.58
N LYS A 164 -1.66 -3.58 -30.62
CA LYS A 164 -2.26 -3.55 -31.96
C LYS A 164 -3.60 -4.30 -31.98
N ALA A 165 -3.62 -5.51 -31.40
CA ALA A 165 -4.86 -6.27 -31.27
C ALA A 165 -5.92 -5.46 -30.53
N ALA A 166 -5.49 -4.65 -29.55
CA ALA A 166 -6.43 -3.79 -28.81
C ALA A 166 -6.99 -2.64 -29.64
N GLN A 167 -6.15 -2.04 -30.48
CA GLN A 167 -6.63 -1.04 -31.48
C GLN A 167 -7.58 -1.66 -32.50
N ASP A 168 -7.27 -2.83 -33.05
CA ASP A 168 -8.21 -3.46 -34.00
C ASP A 168 -9.61 -3.66 -33.37
N ALA A 169 -9.69 -3.85 -32.05
CA ALA A 169 -10.98 -3.93 -31.35
C ALA A 169 -11.55 -2.59 -30.85
N GLY A 170 -11.01 -1.46 -31.32
CA GLY A 170 -11.58 -0.13 -31.01
C GLY A 170 -11.21 0.51 -29.67
N LEU A 171 -10.20 -0.01 -28.99
CA LEU A 171 -9.69 0.59 -27.76
C LEU A 171 -8.46 1.47 -28.09
N HIS A 172 -8.24 2.52 -27.32
CA HIS A 172 -7.10 3.41 -27.56
C HIS A 172 -5.85 2.87 -26.89
N ALA A 173 -4.82 2.56 -27.66
CA ALA A 173 -3.59 2.02 -27.10
C ALA A 173 -2.72 3.15 -26.54
N MET A 174 -2.76 3.31 -25.24
CA MET A 174 -2.29 4.52 -24.59
C MET A 174 -0.85 4.39 -24.18
N GLY A 175 -0.44 3.21 -23.72
CA GLY A 175 0.94 3.01 -23.29
C GLY A 175 1.30 1.65 -22.70
N ILE A 176 2.33 1.65 -21.86
CA ILE A 176 2.87 0.47 -21.21
C ILE A 176 2.87 0.67 -19.68
N CYS A 177 2.75 -0.44 -18.94
CA CYS A 177 2.96 -0.40 -17.51
C CYS A 177 3.77 -1.59 -17.00
N PHE A 178 4.29 -1.45 -15.78
CA PHE A 178 4.95 -2.55 -15.15
C PHE A 178 4.97 -2.35 -13.65
N HIS A 179 5.38 -3.41 -12.96
CA HIS A 179 5.55 -3.42 -11.54
C HIS A 179 6.75 -4.30 -11.18
N VAL A 180 7.73 -3.68 -10.57
CA VAL A 180 8.99 -4.31 -10.18
C VAL A 180 8.88 -5.42 -9.10
N GLY A 181 7.78 -5.38 -8.37
CA GLY A 181 7.56 -6.20 -7.19
C GLY A 181 7.56 -5.35 -5.95
N SER A 182 6.88 -5.82 -4.92
CA SER A 182 6.71 -5.09 -3.67
C SER A 182 7.95 -5.06 -2.79
N GLN A 183 8.08 -4.02 -1.99
CA GLN A 183 9.24 -3.81 -1.13
C GLN A 183 10.61 -3.80 -1.84
N SER A 184 10.73 -3.02 -2.90
CA SER A 184 12.01 -2.88 -3.60
C SER A 184 13.08 -2.06 -2.86
N LEU A 185 14.28 -2.62 -2.81
CA LEU A 185 15.44 -2.02 -2.14
C LEU A 185 16.36 -1.25 -3.09
N SER A 186 16.58 -1.77 -4.30
CA SER A 186 17.45 -1.09 -5.27
C SER A 186 16.62 -0.43 -6.39
N THR A 187 17.17 0.66 -6.93
CA THR A 187 16.57 1.37 -8.05
C THR A 187 16.82 0.67 -9.41
N ALA A 188 17.74 -0.31 -9.46
CA ALA A 188 18.13 -0.92 -10.76
C ALA A 188 16.90 -1.34 -11.56
N ALA A 189 16.10 -2.21 -10.97
CA ALA A 189 14.88 -2.72 -11.58
C ALA A 189 14.00 -1.61 -12.18
N TYR A 190 13.81 -0.53 -11.44
CA TYR A 190 13.07 0.62 -11.98
C TYR A 190 13.70 1.19 -13.26
N GLU A 191 15.04 1.26 -13.27
CA GLU A 191 15.78 1.77 -14.43
C GLU A 191 15.95 0.75 -15.57
N GLU A 192 16.15 -0.52 -15.24
CA GLU A 192 16.04 -1.58 -16.24
C GLU A 192 14.68 -1.54 -16.94
N ALA A 193 13.62 -1.61 -16.13
CA ALA A 193 12.24 -1.59 -16.63
C ALA A 193 11.94 -0.34 -17.43
N LEU A 194 12.47 0.80 -17.00
CA LEU A 194 12.33 2.02 -17.80
C LEU A 194 12.99 1.92 -19.21
N LEU A 195 14.11 1.20 -19.30
CA LEU A 195 14.81 1.00 -20.58
C LEU A 195 14.02 0.07 -21.47
N VAL A 196 13.66 -1.09 -20.92
CA VAL A 196 12.81 -2.06 -21.62
C VAL A 196 11.60 -1.36 -22.23
N ALA A 197 10.97 -0.48 -21.47
CA ALA A 197 9.82 0.28 -21.97
C ALA A 197 10.22 1.30 -23.00
N ARG A 198 11.42 1.85 -22.88
CA ARG A 198 11.96 2.79 -23.87
C ARG A 198 12.07 2.16 -25.27
N ARG A 199 12.71 1.00 -25.33
CA ARG A 199 12.80 0.22 -26.57
C ARG A 199 11.38 0.12 -27.19
N LEU A 200 10.44 -0.44 -26.43
CA LEU A 200 9.07 -0.68 -26.88
C LEU A 200 8.43 0.56 -27.41
N PHE A 201 8.63 1.67 -26.72
CA PHE A 201 8.11 2.98 -27.16
C PHE A 201 8.59 3.45 -28.55
N ASP A 202 9.86 3.16 -28.85
CA ASP A 202 10.50 3.53 -30.14
C ASP A 202 9.90 2.67 -31.23
N GLU A 203 10.07 1.35 -31.04
CA GLU A 203 9.46 0.30 -31.86
C GLU A 203 7.99 0.57 -32.21
N ALA A 204 7.25 1.20 -31.29
CA ALA A 204 5.84 1.54 -31.50
C ALA A 204 5.67 2.73 -32.42
N GLU A 205 6.42 3.81 -32.16
CA GLU A 205 6.30 5.04 -32.97
C GLU A 205 6.52 4.69 -34.44
N GLU A 206 7.69 4.10 -34.72
CA GLU A 206 8.01 3.69 -36.09
C GLU A 206 6.94 2.76 -36.69
N MET A 207 6.32 1.93 -35.85
CA MET A 207 5.19 1.06 -36.22
C MET A 207 3.88 1.81 -36.54
N GLY A 208 3.86 3.14 -36.46
CA GLY A 208 2.65 3.92 -36.72
C GLY A 208 1.67 3.91 -35.54
N MET A 209 2.22 3.68 -34.35
CA MET A 209 1.47 3.64 -33.11
C MET A 209 2.15 4.64 -32.17
N HIS A 210 1.47 5.71 -31.76
CA HIS A 210 2.10 6.69 -30.83
C HIS A 210 1.63 6.54 -29.38
N LEU A 211 2.54 6.06 -28.52
CA LEU A 211 2.25 5.86 -27.07
C LEU A 211 2.57 7.09 -26.18
N THR A 212 1.55 7.52 -25.43
CA THR A 212 1.54 8.74 -24.65
C THR A 212 1.85 8.59 -23.13
N ASP A 213 1.54 7.43 -22.52
CA ASP A 213 1.68 7.25 -21.04
C ASP A 213 2.52 6.05 -20.61
N LEU A 214 3.28 6.22 -19.53
CA LEU A 214 4.07 5.15 -18.94
C LEU A 214 3.65 5.05 -17.48
N ASP A 215 3.37 3.83 -17.00
CA ASP A 215 3.05 3.63 -15.59
C ASP A 215 4.08 2.68 -14.95
N ILE A 216 4.94 3.22 -14.07
CA ILE A 216 6.07 2.49 -13.48
C ILE A 216 5.74 1.69 -12.22
N GLY A 217 4.49 1.73 -11.81
CA GLY A 217 4.03 0.87 -10.73
C GLY A 217 4.54 1.35 -9.38
N GLY A 218 4.47 0.44 -8.42
CA GLY A 218 4.77 0.68 -7.04
C GLY A 218 6.04 -0.03 -6.66
N GLY A 219 6.10 -0.45 -5.40
CA GLY A 219 7.25 -1.16 -4.87
C GLY A 219 8.18 -0.33 -3.99
N PHE A 220 7.90 0.95 -3.81
CA PHE A 220 8.73 1.78 -2.95
C PHE A 220 8.66 1.17 -1.54
N PRO A 221 9.81 1.04 -0.88
CA PRO A 221 9.87 0.33 0.39
C PRO A 221 9.34 1.09 1.63
N VAL A 222 9.04 0.31 2.66
CA VAL A 222 8.66 0.79 3.97
C VAL A 222 9.52 0.06 5.00
N PRO A 223 9.83 0.72 6.10
CA PRO A 223 10.61 0.08 7.15
C PRO A 223 9.88 -1.09 7.82
N ASP A 224 10.62 -2.16 8.08
CA ASP A 224 10.12 -3.32 8.79
C ASP A 224 10.84 -3.51 10.11
N ALA A 225 10.70 -4.69 10.70
CA ALA A 225 11.19 -4.94 12.05
C ALA A 225 12.66 -4.58 12.18
N LYS A 226 13.41 -4.83 11.12
CA LYS A 226 14.82 -4.45 11.05
C LYS A 226 15.07 -3.06 10.48
N GLY A 227 14.01 -2.32 10.15
CA GLY A 227 14.17 -0.97 9.64
C GLY A 227 14.36 -0.82 8.14
N LEU A 228 14.83 0.34 7.71
CA LEU A 228 15.04 0.61 6.29
C LEU A 228 16.49 0.90 5.88
N ASN A 229 17.00 0.03 5.00
CA ASN A 229 18.31 0.12 4.37
C ASN A 229 18.50 1.33 3.46
N VAL A 230 17.44 1.65 2.73
CA VAL A 230 17.44 2.62 1.62
C VAL A 230 17.23 4.06 2.12
N ASP A 231 17.78 5.03 1.37
CA ASP A 231 17.36 6.43 1.50
C ASP A 231 16.39 6.73 0.36
N LEU A 232 15.16 7.08 0.72
CA LEU A 232 14.08 7.25 -0.25
C LEU A 232 14.21 8.50 -1.12
N ALA A 233 14.66 9.63 -0.57
CA ALA A 233 14.76 10.86 -1.38
C ALA A 233 15.68 10.63 -2.59
N ALA A 234 16.85 10.06 -2.32
CA ALA A 234 17.81 9.70 -3.35
C ALA A 234 17.17 8.76 -4.37
N MET A 235 16.70 7.62 -3.88
CA MET A 235 16.05 6.60 -4.70
C MET A 235 15.07 7.24 -5.69
N MET A 236 14.22 8.12 -5.18
CA MET A 236 13.19 8.82 -5.96
C MET A 236 13.76 9.86 -6.93
N GLU A 237 14.79 10.60 -6.49
CA GLU A 237 15.45 11.59 -7.34
C GLU A 237 16.19 10.91 -8.49
N ALA A 238 16.82 9.78 -8.19
CA ALA A 238 17.49 8.95 -9.17
C ALA A 238 16.54 8.52 -10.25
N ILE A 239 15.51 7.78 -9.86
CA ILE A 239 14.46 7.36 -10.79
C ILE A 239 13.77 8.54 -11.49
N ASN A 240 13.53 9.65 -10.78
CA ASN A 240 13.04 10.87 -11.45
C ASN A 240 13.99 11.37 -12.53
N LYS A 241 15.29 11.27 -12.27
CA LYS A 241 16.29 11.77 -13.21
C LYS A 241 16.30 10.87 -14.44
N GLN A 242 16.40 9.56 -14.23
CA GLN A 242 16.34 8.62 -15.34
C GLN A 242 15.00 8.54 -16.08
N ILE A 243 13.92 9.04 -15.50
CA ILE A 243 12.73 9.34 -16.26
C ILE A 243 12.96 10.52 -17.18
N ASP A 244 13.59 11.56 -16.66
CA ASP A 244 13.84 12.78 -17.42
C ASP A 244 14.79 12.52 -18.58
N ARG A 245 15.78 11.68 -18.30
CA ARG A 245 16.75 11.24 -19.26
C ARG A 245 16.11 10.41 -20.37
N LEU A 246 15.14 9.59 -20.02
CA LEU A 246 14.54 8.68 -20.99
C LEU A 246 13.19 9.09 -21.55
N PHE A 247 12.41 9.86 -20.79
CA PHE A 247 11.04 10.12 -21.21
C PHE A 247 10.67 11.59 -21.11
N PRO A 248 11.36 12.42 -21.87
CA PRO A 248 11.05 13.85 -21.91
C PRO A 248 9.66 14.08 -22.47
N ASP A 249 9.31 13.30 -23.47
CA ASP A 249 8.03 13.39 -24.16
C ASP A 249 6.81 13.06 -23.31
N THR A 250 6.98 12.09 -22.42
CA THR A 250 5.93 11.17 -21.96
C THR A 250 5.35 11.50 -20.58
N ALA A 251 4.03 11.36 -20.48
CA ALA A 251 3.30 11.38 -19.23
C ALA A 251 3.51 10.09 -18.37
N VAL A 252 4.27 10.20 -17.28
CA VAL A 252 4.59 9.10 -16.38
C VAL A 252 3.77 9.09 -15.08
N TRP A 253 3.45 7.88 -14.62
CA TRP A 253 2.62 7.65 -13.42
C TRP A 253 3.28 6.60 -12.57
N THR A 254 2.98 6.70 -11.27
CA THR A 254 3.39 5.73 -10.30
C THR A 254 2.16 5.24 -9.50
N GLU A 255 2.29 4.03 -8.95
CA GLU A 255 1.24 3.39 -8.17
C GLU A 255 1.78 2.96 -6.82
N PRO A 256 2.11 3.90 -5.96
CA PRO A 256 2.50 3.54 -4.61
C PRO A 256 1.32 2.94 -3.88
N GLY A 257 1.55 1.91 -3.09
CA GLY A 257 0.55 1.45 -2.17
C GLY A 257 1.06 1.47 -0.76
N ARG A 258 2.06 0.62 -0.53
CA ARG A 258 2.64 0.37 0.77
C ARG A 258 3.26 1.62 1.35
N TYR A 259 3.95 2.35 0.51
CA TYR A 259 4.64 3.57 0.89
C TYR A 259 3.75 4.64 1.47
N MET A 260 2.57 4.82 0.88
CA MET A 260 1.68 5.94 1.26
C MET A 260 1.24 5.93 2.72
N CYS A 261 0.86 4.76 3.20
CA CYS A 261 0.24 4.65 4.52
C CYS A 261 0.96 3.75 5.48
N GLY A 262 1.96 2.99 5.04
CA GLY A 262 2.63 1.99 5.89
C GLY A 262 3.20 2.56 7.19
N THR A 263 3.88 3.68 7.08
CA THR A 263 4.52 4.35 8.21
C THR A 263 3.58 5.34 8.91
N ALA A 264 2.28 5.21 8.68
CA ALA A 264 1.35 6.19 9.22
C ALA A 264 0.36 5.54 10.18
N VAL A 265 0.51 4.25 10.48
CA VAL A 265 -0.47 3.59 11.30
C VAL A 265 0.25 2.78 12.34
N ASN A 266 -0.26 2.85 13.58
CA ASN A 266 0.14 1.95 14.67
C ASN A 266 -0.99 1.05 15.12
N LEU A 267 -0.66 -0.16 15.53
CA LEU A 267 -1.59 -1.03 16.23
C LEU A 267 -1.30 -0.99 17.74
N VAL A 268 -2.38 -0.85 18.52
CA VAL A 268 -2.32 -0.97 19.99
C VAL A 268 -3.09 -2.21 20.42
N THR A 269 -2.43 -3.14 21.10
CA THR A 269 -2.99 -4.44 21.51
C THR A 269 -2.61 -4.73 22.98
N SER A 270 -3.52 -5.34 23.70
CA SER A 270 -3.30 -5.66 25.10
C SER A 270 -2.79 -7.07 25.23
N VAL A 271 -1.97 -7.31 26.24
CA VAL A 271 -1.65 -8.68 26.65
C VAL A 271 -2.84 -9.23 27.45
N ILE A 272 -3.40 -10.34 26.99
CA ILE A 272 -4.58 -10.93 27.64
C ILE A 272 -4.33 -12.26 28.32
N GLY A 273 -3.16 -12.87 28.13
CA GLY A 273 -2.82 -14.10 28.86
C GLY A 273 -1.31 -14.31 28.90
N THR A 274 -0.83 -14.95 29.94
CA THR A 274 0.59 -15.28 30.01
C THR A 274 0.77 -16.77 30.15
N LYS A 275 1.88 -17.28 29.66
CA LYS A 275 2.20 -18.69 29.80
C LYS A 275 3.62 -18.87 30.26
N THR A 276 3.84 -18.63 31.54
CA THR A 276 5.16 -18.78 32.11
C THR A 276 5.41 -20.23 32.50
N ARG A 277 5.36 -21.10 31.51
CA ARG A 277 5.75 -22.49 31.67
C ARG A 277 7.26 -22.64 31.77
N GLY A 278 7.97 -21.89 30.93
CA GLY A 278 9.41 -22.00 30.83
C GLY A 278 9.73 -23.00 29.73
N GLU A 279 10.92 -22.96 29.15
CA GLU A 279 11.90 -21.91 29.40
C GLU A 279 11.41 -20.54 28.96
N GLN A 280 10.73 -20.50 27.83
CA GLN A 280 10.32 -19.24 27.22
C GLN A 280 8.90 -18.83 27.58
N PRO A 281 8.72 -17.60 28.01
CA PRO A 281 7.37 -17.10 28.28
C PRO A 281 6.53 -16.82 27.03
N TRP A 282 5.27 -17.18 27.05
CA TRP A 282 4.35 -16.88 25.97
C TRP A 282 3.48 -15.75 26.40
N TYR A 283 3.39 -14.74 25.56
CA TYR A 283 2.47 -13.63 25.77
C TYR A 283 1.41 -13.75 24.71
N ILE A 284 0.16 -13.92 25.16
CA ILE A 284 -0.98 -13.94 24.25
C ILE A 284 -1.58 -12.53 24.12
N LEU A 285 -1.61 -12.01 22.90
CA LEU A 285 -2.20 -10.69 22.60
C LEU A 285 -3.65 -10.77 22.09
N ASP A 286 -4.34 -9.64 22.08
CA ASP A 286 -5.70 -9.57 21.55
C ASP A 286 -5.85 -9.27 20.06
N GLU A 287 -4.74 -9.11 19.35
CA GLU A 287 -4.75 -9.09 17.90
C GLU A 287 -3.79 -10.15 17.36
N GLY A 288 -4.19 -10.81 16.29
CA GLY A 288 -3.59 -12.05 15.86
C GLY A 288 -3.42 -12.23 14.37
N ILE A 289 -2.97 -13.42 13.98
CA ILE A 289 -2.67 -13.72 12.61
C ILE A 289 -3.91 -13.73 11.70
N TYR A 290 -5.08 -13.78 12.30
CA TYR A 290 -6.31 -13.73 11.55
C TYR A 290 -6.82 -12.32 11.45
N GLY A 291 -6.13 -11.38 12.08
CA GLY A 291 -6.51 -9.99 11.98
C GLY A 291 -5.42 -9.21 11.29
N CYS A 292 -4.89 -8.22 11.98
CA CYS A 292 -3.82 -7.38 11.45
C CYS A 292 -2.50 -8.07 11.15
N PHE A 293 -2.10 -9.03 11.98
CA PHE A 293 -0.89 -9.78 11.73
C PHE A 293 -1.02 -10.81 10.58
N SER A 294 -2.13 -10.76 9.84
CA SER A 294 -2.30 -11.56 8.60
C SER A 294 -1.17 -11.32 7.54
N GLY A 295 -0.51 -10.17 7.61
CA GLY A 295 0.58 -9.86 6.71
C GLY A 295 1.80 -10.75 6.89
N ILE A 296 1.99 -11.32 8.08
CA ILE A 296 2.95 -12.43 8.29
C ILE A 296 2.74 -13.58 7.28
N MET A 297 1.48 -13.88 6.97
CA MET A 297 1.10 -14.98 6.06
C MET A 297 1.12 -14.62 4.57
N TYR A 298 0.46 -13.52 4.23
CA TYR A 298 0.20 -13.11 2.86
C TYR A 298 1.22 -12.14 2.28
N ASP A 299 1.95 -11.47 3.15
CA ASP A 299 2.91 -10.41 2.80
C ASP A 299 4.36 -10.72 3.27
N HIS A 300 4.62 -11.94 3.78
CA HIS A 300 5.92 -12.39 4.34
C HIS A 300 6.62 -11.35 5.21
N TRP A 301 5.85 -10.73 6.09
CA TRP A 301 6.29 -9.48 6.70
C TRP A 301 6.58 -9.72 8.15
N THR A 302 7.48 -8.92 8.71
CA THR A 302 7.84 -8.94 10.14
C THR A 302 7.77 -7.50 10.67
N TYR A 303 6.87 -7.32 11.63
CA TYR A 303 6.47 -5.98 12.08
C TYR A 303 7.28 -5.65 13.33
N PRO A 304 7.57 -4.36 13.54
CA PRO A 304 8.25 -3.89 14.78
C PRO A 304 7.31 -3.73 15.96
N LEU A 305 7.64 -4.39 17.05
CA LEU A 305 6.78 -4.52 18.22
C LEU A 305 7.52 -3.80 19.33
N HIS A 306 6.79 -3.08 20.18
CA HIS A 306 7.42 -2.32 21.27
C HIS A 306 6.71 -2.65 22.61
N CYS A 307 7.44 -3.24 23.54
CA CYS A 307 6.86 -3.75 24.79
C CYS A 307 6.82 -2.90 26.04
N PHE A 308 7.45 -1.73 26.06
CA PHE A 308 7.33 -0.86 27.24
C PHE A 308 7.67 -1.51 28.60
N GLY A 309 8.83 -2.13 28.73
CA GLY A 309 9.19 -2.78 29.98
C GLY A 309 10.46 -2.30 30.67
N LYS A 310 10.38 -2.06 31.97
CA LYS A 310 11.56 -1.70 32.76
C LYS A 310 12.63 -2.80 32.89
N GLY A 311 12.20 -4.04 33.10
CA GLY A 311 13.10 -5.13 33.45
C GLY A 311 13.97 -5.61 32.32
N ASN A 312 15.00 -6.39 32.62
CA ASN A 312 15.81 -6.91 31.52
C ASN A 312 14.94 -7.79 30.65
N LYS A 313 15.37 -7.95 29.41
CA LYS A 313 14.58 -8.61 28.42
C LYS A 313 14.97 -10.09 28.43
N LYS A 314 14.19 -10.91 27.73
CA LYS A 314 14.41 -12.34 27.62
C LYS A 314 13.65 -12.89 26.40
N PRO A 315 14.20 -13.93 25.73
CA PRO A 315 13.49 -14.57 24.59
C PRO A 315 12.04 -14.96 24.92
N SER A 316 11.08 -14.46 24.15
CA SER A 316 9.67 -14.63 24.49
C SER A 316 8.90 -14.96 23.25
N THR A 317 7.81 -15.71 23.40
CA THR A 317 6.95 -16.05 22.28
C THR A 317 5.67 -15.18 22.41
N PHE A 318 5.25 -14.57 21.29
CA PHE A 318 3.92 -13.95 21.17
C PHE A 318 2.93 -14.73 20.28
N GLY A 319 1.70 -14.91 20.78
CA GLY A 319 0.59 -15.43 19.97
C GLY A 319 -0.68 -14.61 20.06
N GLY A 320 -1.64 -15.02 19.24
CA GLY A 320 -2.86 -14.27 19.02
C GLY A 320 -3.98 -14.85 19.84
N PRO A 321 -5.15 -14.22 19.79
CA PRO A 321 -6.24 -14.61 20.65
C PRO A 321 -7.02 -15.85 20.17
N SER A 322 -6.77 -16.33 18.96
CA SER A 322 -7.56 -17.44 18.43
C SER A 322 -7.17 -18.83 18.95
N CYS A 323 -8.03 -19.79 18.62
CA CYS A 323 -7.96 -21.19 19.04
C CYS A 323 -7.17 -22.06 18.08
N ASP A 324 -6.57 -21.44 17.08
CA ASP A 324 -5.82 -22.14 16.11
C ASP A 324 -4.35 -22.07 16.48
N GLY A 325 -3.68 -23.22 16.37
CA GLY A 325 -2.26 -23.34 16.67
C GLY A 325 -1.36 -22.63 15.70
N ILE A 326 -1.90 -22.17 14.57
CA ILE A 326 -1.12 -21.37 13.64
C ILE A 326 -0.90 -19.92 14.13
N ASP A 327 -1.72 -19.49 15.10
CA ASP A 327 -1.78 -18.08 15.56
C ASP A 327 -0.62 -17.76 16.50
N VAL A 328 0.59 -17.83 15.97
CA VAL A 328 1.81 -17.51 16.69
C VAL A 328 2.51 -16.41 15.92
N LEU A 329 2.83 -15.30 16.58
CA LEU A 329 3.36 -14.14 15.87
C LEU A 329 4.87 -13.96 15.89
N TYR A 330 5.47 -14.13 17.05
CA TYR A 330 6.89 -13.97 17.20
C TYR A 330 7.46 -15.10 18.01
N ARG A 331 8.69 -15.48 17.71
CA ARG A 331 9.38 -16.48 18.49
C ARG A 331 10.74 -15.94 18.85
N ASP A 332 11.22 -16.26 20.04
CA ASP A 332 12.55 -15.87 20.46
C ASP A 332 12.72 -14.36 20.49
N PHE A 333 11.64 -13.65 20.76
CA PHE A 333 11.67 -12.21 20.75
C PHE A 333 12.14 -11.69 22.11
N MET A 334 13.10 -10.77 22.10
CA MET A 334 13.68 -10.24 23.34
C MET A 334 12.71 -9.22 23.95
N ALA A 335 12.08 -9.62 25.06
CA ALA A 335 11.04 -8.83 25.70
C ALA A 335 11.17 -8.80 27.22
N PRO A 336 10.82 -7.65 27.85
CA PRO A 336 10.71 -7.62 29.31
C PRO A 336 9.47 -8.37 29.77
N GLU A 337 9.35 -8.51 31.09
CA GLU A 337 8.26 -9.24 31.70
C GLU A 337 7.01 -8.40 31.52
N LEU A 338 5.96 -9.02 30.98
CA LEU A 338 4.69 -8.36 30.79
C LEU A 338 3.64 -9.11 31.62
N LYS A 339 2.60 -8.37 31.96
CA LYS A 339 1.46 -8.92 32.65
C LYS A 339 0.17 -8.63 31.86
N ILE A 340 -0.83 -9.41 32.17
CA ILE A 340 -2.13 -9.25 31.58
C ILE A 340 -2.56 -7.78 31.75
N GLY A 341 -2.97 -7.15 30.65
CA GLY A 341 -3.44 -5.76 30.68
C GLY A 341 -2.40 -4.72 30.25
N ASP A 342 -1.12 -5.11 30.20
CA ASP A 342 -0.13 -4.27 29.52
C ASP A 342 -0.50 -4.04 28.05
N LYS A 343 -0.10 -2.88 27.53
CA LYS A 343 -0.22 -2.62 26.12
C LYS A 343 1.16 -2.81 25.45
N VAL A 344 1.15 -3.44 24.28
CA VAL A 344 2.27 -3.34 23.34
C VAL A 344 1.86 -2.53 22.10
N LEU A 345 2.87 -1.95 21.46
CA LEU A 345 2.71 -1.06 20.31
C LEU A 345 3.39 -1.67 19.12
N VAL A 346 2.70 -1.67 17.98
CA VAL A 346 3.26 -2.16 16.72
C VAL A 346 3.18 -1.01 15.74
N THR A 347 4.34 -0.66 15.19
CA THR A 347 4.47 0.46 14.29
C THR A 347 4.59 -0.02 12.86
N GLU A 348 4.60 0.93 11.94
CA GLU A 348 4.66 0.61 10.51
C GLU A 348 3.61 -0.45 10.16
N MET A 349 2.36 -0.15 10.51
CA MET A 349 1.24 -1.12 10.42
C MET A 349 0.17 -0.72 9.39
N GLY A 350 0.43 0.29 8.56
CA GLY A 350 -0.63 0.81 7.66
C GLY A 350 -0.94 0.09 6.34
N SER A 351 -0.21 -0.95 5.97
CA SER A 351 -0.30 -1.50 4.62
C SER A 351 -0.37 -2.99 4.67
N TYR A 352 -1.36 -3.54 3.98
CA TYR A 352 -1.51 -5.01 3.86
C TYR A 352 -1.66 -5.64 5.23
N THR A 353 -2.35 -4.91 6.09
CA THR A 353 -2.59 -5.36 7.45
C THR A 353 -4.08 -5.55 7.64
N SER A 354 -4.80 -4.48 7.97
CA SER A 354 -6.25 -4.55 8.20
C SER A 354 -7.04 -4.99 6.95
N VAL A 355 -6.51 -4.73 5.76
CA VAL A 355 -7.12 -5.21 4.52
C VAL A 355 -7.18 -6.70 4.35
N SER A 356 -6.32 -7.47 5.06
CA SER A 356 -6.49 -8.94 5.14
C SER A 356 -7.02 -9.51 6.49
N ALA A 357 -7.45 -8.64 7.41
CA ALA A 357 -8.10 -9.08 8.66
C ALA A 357 -9.43 -9.77 8.39
N THR A 358 -9.80 -10.66 9.32
CA THR A 358 -11.00 -11.46 9.24
C THR A 358 -11.76 -11.41 10.56
N ARG A 359 -12.92 -12.04 10.58
CA ARG A 359 -13.71 -12.25 11.82
C ARG A 359 -13.67 -13.70 12.25
N PHE A 360 -12.57 -14.37 11.90
CA PHE A 360 -12.33 -15.72 12.39
C PHE A 360 -12.50 -15.77 13.92
N ASN A 361 -13.11 -16.85 14.40
CA ASN A 361 -13.46 -17.02 15.84
C ASN A 361 -14.49 -15.99 16.35
N GLY A 362 -15.19 -15.33 15.44
CA GLY A 362 -16.05 -14.18 15.78
C GLY A 362 -15.43 -12.89 16.29
N PHE A 363 -14.10 -12.76 16.23
CA PHE A 363 -13.48 -11.51 16.67
C PHE A 363 -13.95 -10.36 15.78
N TYR A 364 -14.04 -9.16 16.34
CA TYR A 364 -14.36 -7.96 15.55
C TYR A 364 -13.11 -7.45 14.84
N LEU A 365 -13.28 -6.85 13.69
CA LEU A 365 -12.17 -6.17 13.01
C LEU A 365 -11.66 -5.05 13.94
N ALA A 366 -10.35 -4.91 14.10
CA ALA A 366 -9.84 -3.78 14.86
C ALA A 366 -10.18 -2.50 14.11
N PRO A 367 -10.76 -1.50 14.79
CA PRO A 367 -11.11 -0.25 14.08
C PRO A 367 -9.94 0.71 13.95
N THR A 368 -10.02 1.61 12.98
CA THR A 368 -8.99 2.59 12.67
C THR A 368 -9.51 3.94 13.17
N ILE A 369 -8.75 4.55 14.08
CA ILE A 369 -9.08 5.77 14.80
C ILE A 369 -8.22 6.81 14.12
N ILE A 370 -8.79 7.93 13.74
CA ILE A 370 -8.02 8.98 13.13
C ILE A 370 -7.35 9.80 14.23
N PHE A 371 -6.04 9.76 14.27
CA PHE A 371 -5.28 10.41 15.34
C PHE A 371 -5.57 11.91 15.47
N GLU A 372 -5.74 12.60 14.35
CA GLU A 372 -5.93 14.02 14.34
C GLU A 372 -7.25 14.44 14.94
N ASP A 373 -8.21 13.53 15.03
CA ASP A 373 -9.45 13.80 15.77
C ASP A 373 -9.32 13.60 17.30
N GLN A 374 -8.16 13.23 17.82
CA GLN A 374 -8.01 12.89 19.25
C GLN A 374 -7.31 14.00 20.05
N PRO A 375 -7.56 14.08 21.37
CA PRO A 375 -6.88 15.06 22.25
C PRO A 375 -5.37 14.88 22.38
N GLU A 376 -4.90 13.64 22.27
CA GLU A 376 -3.46 13.38 22.18
C GLU A 376 -2.79 14.17 21.05
N TYR A 377 -3.48 14.34 19.94
CA TYR A 377 -2.98 15.15 18.85
C TYR A 377 -3.02 16.63 19.22
N ALA A 378 -4.11 17.09 19.83
CA ALA A 378 -4.21 18.47 20.39
C ALA A 378 -3.08 18.76 21.36
N ALA A 379 -2.76 17.78 22.21
CA ALA A 379 -1.65 17.84 23.13
C ALA A 379 -0.29 17.92 22.44
N ARG A 380 -0.08 17.13 21.39
CA ARG A 380 1.11 17.29 20.53
C ARG A 380 1.19 18.67 19.90
N LEU A 381 0.05 19.17 19.42
CA LEU A 381 0.00 20.51 18.85
C LEU A 381 0.26 21.61 19.86
N THR A 382 -0.27 21.53 21.08
CA THR A 382 0.05 22.57 22.06
C THR A 382 1.52 22.47 22.49
N GLU A 383 2.04 21.25 22.67
CA GLU A 383 3.48 21.09 22.91
C GLU A 383 4.33 21.69 21.78
N ASP A 384 3.94 21.48 20.52
CA ASP A 384 4.73 22.02 19.38
C ASP A 384 4.64 23.53 19.18
N ASP A 385 3.47 24.11 19.40
CA ASP A 385 3.33 25.57 19.25
C ASP A 385 4.14 26.34 20.33
N ASP A 386 4.31 25.77 21.54
CA ASP A 386 5.16 26.38 22.59
C ASP A 386 6.64 26.31 22.28
N VAL A 387 7.13 25.13 21.94
CA VAL A 387 8.59 24.93 21.82
C VAL A 387 9.12 25.52 20.52
N LYS A 388 8.45 25.25 19.40
CA LYS A 388 8.84 25.82 18.09
C LYS A 388 8.18 27.19 17.86
N LYS A 389 8.95 28.15 17.34
CA LYS A 389 8.43 29.46 16.88
C LYS A 389 9.50 30.25 16.09
#